data_2FAW
#
_entry.id   2FAW
#
_cell.length_a   62.820
_cell.length_b   81.200
_cell.length_c   108.170
_cell.angle_alpha   90.00
_cell.angle_beta   90.00
_cell.angle_gamma   90.00
#
_symmetry.space_group_name_H-M   'P 21 21 21'
#
loop_
_entity.id
_entity.type
_entity.pdbx_description
1 polymer 'glutamine cyclotransferase'
2 branched beta-D-mannopyranose-(1-4)-2-acetamido-2-deoxy-beta-D-glucopyranose-(1-4)-[alpha-L-fucopyranose-(1-3)]2-acetamido-2-deoxy-beta-D-glucopyranose
3 branched alpha-L-fucopyranose-(1-3)-[2-acetamido-2-deoxy-beta-D-glucopyranose-(1-4)]2-acetamido-2-deoxy-beta-D-glucopyranose
4 non-polymer 'ZINC ION'
5 non-polymer 2-AMINO-2-HYDROXYMETHYL-PROPANE-1,3-DIOL
6 non-polymer 'ACETIC ACID'
7 water water
#
_entity_poly.entity_id   1
_entity_poly.type   'polypeptide(L)'
_entity_poly.pdbx_seq_one_letter_code
;RPSSRVYIVEVLNEFPHDPYAFTQGLVYAENDTLFESTGLYGRSSVRQVALQTGKVENIHKMDDSYFGEGLTLLNEKLYQ
VVWLKNIGFIYDRRTLSNIKNFTHQMKDGWGLATDGKILYGSDGTSILYEIDPHTFKLIKKHNVKYNGHRVIRLNELEYI
NGEVWANIWQTDCIARISAKDGTLLGWILLPNLRKKLIDEGFRDIDVLNGIAWDQENKRIFVTGKLWPKLFEIKLHLVRH
RIPDGYIERHCLNLRDNTLSLKTDID
;
_entity_poly.pdbx_strand_id   A,B
#
loop_
_chem_comp.id
_chem_comp.type
_chem_comp.name
_chem_comp.formula
ACY non-polymer 'ACETIC ACID' 'C2 H4 O2'
BMA D-saccharide, beta linking beta-D-mannopyranose 'C6 H12 O6'
FUC L-saccharide, alpha linking alpha-L-fucopyranose 'C6 H12 O5'
NAG D-saccharide, beta linking 2-acetamido-2-deoxy-beta-D-glucopyranose 'C8 H15 N O6'
TRS non-polymer 2-AMINO-2-HYDROXYMETHYL-PROPANE-1,3-DIOL 'C4 H12 N O3 1'
ZN non-polymer 'ZINC ION' 'Zn 2'
#
# COMPACT_ATOMS: atom_id res chain seq x y z
N ARG A 5 -18.48 -9.75 12.49
CA ARG A 5 -19.54 -10.39 11.68
C ARG A 5 -18.89 -11.04 10.48
N VAL A 6 -19.32 -12.23 10.21
CA VAL A 6 -18.81 -12.95 9.07
C VAL A 6 -20.00 -13.41 8.30
N TYR A 7 -19.91 -13.29 6.99
CA TYR A 7 -21.04 -13.61 6.15
C TYR A 7 -20.61 -14.62 5.20
N ILE A 8 -21.54 -15.49 4.86
CA ILE A 8 -21.32 -16.32 3.72
C ILE A 8 -22.25 -15.81 2.68
N VAL A 9 -22.11 -16.32 1.48
CA VAL A 9 -22.94 -15.78 0.44
C VAL A 9 -23.72 -16.88 -0.17
N GLU A 10 -24.94 -16.51 -0.52
CA GLU A 10 -25.78 -17.36 -1.27
C GLU A 10 -25.84 -16.76 -2.65
N VAL A 11 -25.65 -17.58 -3.64
CA VAL A 11 -25.79 -17.09 -4.99
C VAL A 11 -27.27 -17.03 -5.26
N LEU A 12 -27.74 -15.84 -5.59
CA LEU A 12 -29.13 -15.66 -5.96
C LEU A 12 -29.27 -15.85 -7.45
N ASN A 13 -28.26 -15.42 -8.17
CA ASN A 13 -28.30 -15.54 -9.60
C ASN A 13 -26.89 -15.58 -10.08
N GLU A 14 -26.71 -16.34 -11.12
CA GLU A 14 -25.46 -16.35 -11.82
C GLU A 14 -25.70 -15.66 -13.12
N PHE A 15 -24.72 -14.90 -13.54
CA PHE A 15 -24.78 -14.26 -14.81
C PHE A 15 -23.51 -14.57 -15.48
N PRO A 16 -23.55 -14.55 -16.80
CA PRO A 16 -22.33 -14.80 -17.54
C PRO A 16 -21.42 -13.64 -17.29
N HIS A 17 -20.17 -13.98 -17.16
CA HIS A 17 -19.17 -12.95 -17.09
C HIS A 17 -18.14 -13.40 -18.06
N ASP A 18 -17.58 -12.44 -18.75
CA ASP A 18 -16.58 -12.75 -19.73
C ASP A 18 -15.45 -13.47 -19.02
N PRO A 19 -15.24 -14.74 -19.33
CA PRO A 19 -14.26 -15.52 -18.58
C PRO A 19 -12.86 -15.09 -18.95
N TYR A 20 -12.75 -14.17 -19.89
CA TYR A 20 -11.45 -13.59 -20.18
C TYR A 20 -11.28 -12.24 -19.61
N ALA A 21 -12.29 -11.77 -18.90
CA ALA A 21 -12.21 -10.47 -18.27
C ALA A 21 -11.47 -10.65 -16.97
N PHE A 22 -10.29 -10.06 -16.91
CA PHE A 22 -9.51 -10.08 -15.71
C PHE A 22 -10.00 -8.94 -14.85
N THR A 23 -11.12 -9.21 -14.21
CA THR A 23 -11.85 -8.15 -13.56
C THR A 23 -11.05 -7.50 -12.50
N GLN A 24 -10.89 -6.20 -12.64
CA GLN A 24 -10.18 -5.46 -11.62
C GLN A 24 -11.05 -4.35 -11.16
N GLY A 25 -12.14 -4.11 -11.86
CA GLY A 25 -13.00 -3.04 -11.44
C GLY A 25 -14.35 -3.47 -11.84
N LEU A 26 -15.29 -3.31 -10.93
CA LEU A 26 -16.62 -3.70 -11.25
C LEU A 26 -17.54 -2.71 -10.64
N VAL A 27 -18.45 -2.28 -11.48
CA VAL A 27 -19.33 -1.20 -11.14
C VAL A 27 -20.67 -1.64 -11.57
N TYR A 28 -21.65 -1.34 -10.75
CA TYR A 28 -22.99 -1.49 -11.21
C TYR A 28 -23.48 -0.07 -11.44
N ALA A 29 -23.99 0.19 -12.63
CA ALA A 29 -24.42 1.52 -12.96
C ALA A 29 -25.89 1.56 -12.63
N GLU A 30 -26.69 1.04 -13.54
CA GLU A 30 -28.11 0.99 -13.32
C GLU A 30 -28.65 0.09 -14.37
N ASN A 31 -29.88 -0.36 -14.19
CA ASN A 31 -30.57 -1.06 -15.24
C ASN A 31 -29.72 -2.15 -15.80
N ASP A 32 -29.14 -2.93 -14.90
CA ASP A 32 -28.43 -4.13 -15.25
C ASP A 32 -27.27 -3.82 -16.13
N THR A 33 -26.70 -2.65 -15.92
CA THR A 33 -25.55 -2.26 -16.68
C THR A 33 -24.43 -2.20 -15.69
N LEU A 34 -23.40 -2.94 -16.00
CA LEU A 34 -22.21 -2.94 -15.20
C LEU A 34 -21.18 -2.19 -15.96
N PHE A 35 -20.19 -1.73 -15.23
CA PHE A 35 -19.01 -1.32 -15.88
C PHE A 35 -17.95 -2.14 -15.29
N GLU A 36 -16.98 -2.45 -16.10
CA GLU A 36 -15.97 -3.31 -15.63
C GLU A 36 -14.67 -2.79 -16.12
N SER A 37 -13.68 -2.91 -15.29
CA SER A 37 -12.36 -2.63 -15.73
C SER A 37 -11.68 -3.94 -15.66
N THR A 38 -10.99 -4.27 -16.72
CA THR A 38 -10.29 -5.52 -16.75
C THR A 38 -8.85 -5.20 -16.82
N GLY A 39 -8.10 -6.09 -16.25
CA GLY A 39 -6.68 -5.92 -16.22
C GLY A 39 -6.06 -6.75 -17.29
N LEU A 40 -4.76 -6.95 -17.08
CA LEU A 40 -3.85 -7.63 -17.97
C LEU A 40 -3.41 -6.72 -19.06
N TYR A 41 -2.12 -6.72 -19.24
CA TYR A 41 -1.58 -5.93 -20.31
C TYR A 41 -2.05 -6.52 -21.60
N GLY A 42 -2.63 -5.68 -22.43
CA GLY A 42 -3.10 -6.07 -23.73
C GLY A 42 -4.54 -6.43 -23.66
N ARG A 43 -5.10 -6.46 -22.47
CA ARG A 43 -6.46 -6.89 -22.31
C ARG A 43 -7.21 -6.02 -21.39
N SER A 44 -6.56 -4.95 -20.99
CA SER A 44 -7.22 -4.07 -20.07
C SER A 44 -8.25 -3.27 -20.81
N SER A 45 -9.35 -3.05 -20.13
CA SER A 45 -10.45 -2.41 -20.79
C SER A 45 -11.30 -1.83 -19.72
N VAL A 46 -12.11 -0.89 -20.15
CA VAL A 46 -13.21 -0.48 -19.36
C VAL A 46 -14.36 -0.86 -20.23
N ARG A 47 -15.34 -1.47 -19.62
CA ARG A 47 -16.41 -2.08 -20.35
C ARG A 47 -17.67 -1.69 -19.75
N GLN A 48 -18.63 -1.49 -20.62
CA GLN A 48 -19.97 -1.47 -20.16
C GLN A 48 -20.47 -2.86 -20.44
N VAL A 49 -21.11 -3.46 -19.46
CA VAL A 49 -21.45 -4.85 -19.57
C VAL A 49 -22.87 -4.99 -19.18
N ALA A 50 -23.59 -5.77 -19.97
CA ALA A 50 -24.94 -6.08 -19.65
C ALA A 50 -24.88 -7.14 -18.57
N LEU A 51 -25.52 -6.86 -17.46
CA LEU A 51 -25.51 -7.79 -16.35
C LEU A 51 -26.03 -9.15 -16.79
N GLN A 52 -27.15 -9.16 -17.48
CA GLN A 52 -27.87 -10.39 -17.69
C GLN A 52 -27.09 -11.40 -18.52
N THR A 53 -26.30 -10.87 -19.45
CA THR A 53 -25.64 -11.72 -20.41
C THR A 53 -24.17 -11.66 -20.25
N GLY A 54 -23.72 -10.67 -19.48
CA GLY A 54 -22.30 -10.41 -19.38
C GLY A 54 -21.77 -9.88 -20.70
N LYS A 55 -22.67 -9.49 -21.59
CA LYS A 55 -22.22 -9.02 -22.87
C LYS A 55 -21.56 -7.70 -22.70
N VAL A 56 -20.42 -7.57 -23.32
CA VAL A 56 -19.73 -6.30 -23.32
C VAL A 56 -20.43 -5.44 -24.34
N GLU A 57 -21.03 -4.36 -23.85
CA GLU A 57 -21.85 -3.50 -24.69
C GLU A 57 -21.05 -2.36 -25.20
N ASN A 58 -20.04 -2.03 -24.43
CA ASN A 58 -19.16 -0.99 -24.85
C ASN A 58 -17.86 -1.26 -24.20
N ILE A 59 -16.80 -0.98 -24.93
CA ILE A 59 -15.51 -1.27 -24.39
C ILE A 59 -14.57 -0.20 -24.80
N HIS A 60 -13.77 0.18 -23.84
CA HIS A 60 -12.65 1.02 -24.10
C HIS A 60 -11.52 0.07 -23.91
N LYS A 61 -10.86 -0.25 -25.01
CA LYS A 61 -9.71 -1.10 -24.91
C LYS A 61 -8.58 -0.18 -24.57
N MET A 62 -7.98 -0.47 -23.43
CA MET A 62 -6.93 0.38 -22.95
C MET A 62 -5.70 0.08 -23.74
N ASP A 63 -4.79 1.02 -23.66
CA ASP A 63 -3.49 0.78 -24.19
C ASP A 63 -2.93 -0.48 -23.58
N ASP A 64 -2.19 -1.22 -24.39
CA ASP A 64 -1.55 -2.43 -23.93
C ASP A 64 -0.65 -2.22 -22.74
N SER A 65 -0.21 -1.00 -22.53
CA SER A 65 0.75 -0.74 -21.50
C SER A 65 0.04 -0.65 -20.16
N TYR A 66 -1.28 -0.60 -20.20
CA TYR A 66 -2.00 -0.44 -18.96
C TYR A 66 -2.55 -1.73 -18.50
N PHE A 67 -2.68 -1.80 -17.20
CA PHE A 67 -3.28 -2.95 -16.59
C PHE A 67 -4.41 -2.34 -15.81
N GLY A 68 -5.61 -2.53 -16.35
CA GLY A 68 -6.77 -1.87 -15.84
C GLY A 68 -6.97 -2.34 -14.42
N GLU A 69 -7.34 -1.44 -13.56
CA GLU A 69 -7.57 -1.84 -12.22
C GLU A 69 -8.93 -1.41 -11.81
N GLY A 70 -9.01 -0.86 -10.61
CA GLY A 70 -10.29 -0.50 -10.05
C GLY A 70 -11.06 0.48 -10.89
N LEU A 71 -12.35 0.41 -10.71
CA LEU A 71 -13.20 1.21 -11.53
C LEU A 71 -14.33 1.56 -10.65
N THR A 72 -14.75 2.78 -10.73
CA THR A 72 -15.97 3.11 -10.09
C THR A 72 -16.64 4.14 -10.92
N LEU A 73 -17.89 4.36 -10.64
CA LEU A 73 -18.66 5.26 -11.44
C LEU A 73 -19.12 6.34 -10.51
N LEU A 74 -18.81 7.56 -10.88
CA LEU A 74 -19.13 8.66 -10.03
C LEU A 74 -19.54 9.80 -10.92
N ASN A 75 -20.72 10.34 -10.67
CA ASN A 75 -21.20 11.48 -11.48
C ASN A 75 -21.02 11.19 -12.96
N GLU A 76 -21.50 10.02 -13.38
CA GLU A 76 -21.53 9.61 -14.78
C GLU A 76 -20.16 9.46 -15.40
N LYS A 77 -19.15 9.39 -14.55
CA LYS A 77 -17.80 9.20 -15.05
C LYS A 77 -17.27 7.98 -14.41
N LEU A 78 -16.54 7.21 -15.19
CA LEU A 78 -15.88 6.06 -14.66
C LEU A 78 -14.51 6.48 -14.30
N TYR A 79 -14.11 6.13 -13.10
CA TYR A 79 -12.78 6.42 -12.64
C TYR A 79 -12.14 5.11 -12.57
N GLN A 80 -10.95 5.05 -13.11
CA GLN A 80 -10.29 3.80 -13.18
C GLN A 80 -8.89 4.06 -12.75
N VAL A 81 -8.36 3.14 -11.95
CA VAL A 81 -6.95 3.18 -11.72
C VAL A 81 -6.34 2.04 -12.48
N VAL A 82 -5.03 1.97 -12.46
CA VAL A 82 -4.36 1.03 -13.27
C VAL A 82 -3.18 0.59 -12.48
N TRP A 83 -2.73 -0.58 -12.83
CA TRP A 83 -1.79 -1.24 -11.99
C TRP A 83 -0.44 -0.64 -12.21
N LEU A 84 0.27 -0.49 -11.11
CA LEU A 84 1.65 -0.04 -11.09
C LEU A 84 1.74 1.35 -11.61
N LYS A 85 0.69 2.11 -11.41
CA LYS A 85 0.75 3.49 -11.80
C LYS A 85 -0.01 4.25 -10.78
N ASN A 86 0.25 5.54 -10.76
CA ASN A 86 -0.52 6.42 -9.93
C ASN A 86 -1.46 7.21 -10.76
N ILE A 87 -1.55 6.85 -12.02
CA ILE A 87 -2.46 7.52 -12.91
C ILE A 87 -3.80 6.88 -12.79
N GLY A 88 -4.81 7.70 -12.97
CA GLY A 88 -6.14 7.17 -13.02
C GLY A 88 -6.71 7.70 -14.30
N PHE A 89 -7.69 6.99 -14.79
CA PHE A 89 -8.37 7.42 -15.99
C PHE A 89 -9.79 7.65 -15.64
N ILE A 90 -10.33 8.69 -16.25
CA ILE A 90 -11.72 8.96 -16.10
C ILE A 90 -12.29 8.82 -17.47
N TYR A 91 -13.41 8.14 -17.53
CA TYR A 91 -14.08 7.93 -18.79
C TYR A 91 -15.47 8.43 -18.66
N ASP A 92 -15.98 9.00 -19.74
CA ASP A 92 -17.39 9.23 -19.76
C ASP A 92 -18.00 7.84 -19.88
N ARG A 93 -19.00 7.58 -19.05
CA ARG A 93 -19.56 6.25 -19.00
C ARG A 93 -20.25 5.91 -20.31
N ARG A 94 -20.68 6.92 -21.05
CA ARG A 94 -21.45 6.66 -22.23
C ARG A 94 -20.58 6.15 -23.35
N THR A 95 -19.45 6.81 -23.59
CA THR A 95 -18.63 6.43 -24.72
C THR A 95 -17.40 5.69 -24.29
N LEU A 96 -17.14 5.71 -22.99
CA LEU A 96 -15.93 5.11 -22.44
C LEU A 96 -14.71 5.78 -23.01
N SER A 97 -14.90 7.03 -23.39
CA SER A 97 -13.74 7.81 -23.80
C SER A 97 -13.04 8.29 -22.55
N ASN A 98 -11.72 8.27 -22.62
CA ASN A 98 -10.95 8.73 -21.50
C ASN A 98 -10.95 10.24 -21.58
N ILE A 99 -11.72 10.86 -20.72
CA ILE A 99 -11.99 12.29 -20.82
C ILE A 99 -11.08 13.09 -19.93
N LYS A 100 -10.52 12.43 -18.92
CA LYS A 100 -9.75 13.13 -17.95
C LYS A 100 -8.92 12.08 -17.27
N ASN A 101 -7.77 12.49 -16.80
CA ASN A 101 -7.00 11.60 -15.99
C ASN A 101 -6.88 12.18 -14.66
N PHE A 102 -6.39 11.36 -13.75
CA PHE A 102 -6.04 11.87 -12.49
C PHE A 102 -4.86 11.12 -12.03
N THR A 103 -4.37 11.49 -10.87
CA THR A 103 -3.34 10.73 -10.26
C THR A 103 -3.89 10.50 -8.91
N HIS A 104 -3.39 9.47 -8.29
CA HIS A 104 -3.81 9.32 -6.94
C HIS A 104 -2.54 9.05 -6.22
N GLN A 105 -2.67 9.05 -4.92
CA GLN A 105 -1.55 9.06 -4.05
C GLN A 105 -1.55 7.76 -3.29
N MET A 106 -2.08 6.72 -3.91
CA MET A 106 -1.97 5.41 -3.32
C MET A 106 -0.66 4.85 -3.80
N LYS A 107 -0.32 3.66 -3.32
CA LYS A 107 0.92 3.07 -3.75
C LYS A 107 0.74 2.40 -5.08
N ASP A 108 -0.50 2.18 -5.42
CA ASP A 108 -0.78 1.46 -6.63
C ASP A 108 -2.23 1.70 -6.88
N GLY A 109 -2.71 1.34 -8.06
CA GLY A 109 -4.10 1.51 -8.31
C GLY A 109 -4.71 0.15 -8.26
N TRP A 110 -5.39 -0.17 -7.17
CA TRP A 110 -6.09 -1.43 -7.17
C TRP A 110 -7.51 -1.06 -7.29
N GLY A 111 -8.19 -0.91 -6.19
CA GLY A 111 -9.62 -0.80 -6.30
C GLY A 111 -10.07 0.61 -6.19
N LEU A 112 -11.27 0.83 -6.67
CA LEU A 112 -11.92 2.11 -6.55
C LEU A 112 -13.34 1.87 -6.23
N ALA A 113 -13.87 2.78 -5.45
CA ALA A 113 -15.29 2.74 -5.21
C ALA A 113 -15.63 4.15 -4.95
N THR A 114 -16.89 4.38 -4.73
CA THR A 114 -17.28 5.72 -4.45
C THR A 114 -18.52 5.65 -3.63
N ASP A 115 -18.66 6.63 -2.78
CA ASP A 115 -19.90 6.75 -2.05
C ASP A 115 -20.80 7.74 -2.77
N GLY A 116 -20.42 8.10 -3.98
CA GLY A 116 -21.19 9.04 -4.76
C GLY A 116 -20.66 10.44 -4.56
N LYS A 117 -19.69 10.60 -3.67
CA LYS A 117 -19.11 11.91 -3.44
C LYS A 117 -17.61 11.85 -3.55
N ILE A 118 -17.03 10.86 -2.90
CA ILE A 118 -15.60 10.75 -2.91
C ILE A 118 -15.27 9.42 -3.52
N LEU A 119 -13.99 9.24 -3.75
CA LEU A 119 -13.54 7.98 -4.27
C LEU A 119 -12.92 7.27 -3.12
N TYR A 120 -13.10 5.97 -3.12
CA TYR A 120 -12.32 5.17 -2.25
C TYR A 120 -11.37 4.47 -3.16
N GLY A 121 -10.16 4.30 -2.68
CA GLY A 121 -9.19 3.64 -3.48
C GLY A 121 -8.49 2.63 -2.62
N SER A 122 -8.02 1.59 -3.26
CA SER A 122 -7.18 0.69 -2.56
C SER A 122 -5.99 0.49 -3.45
N ASP A 123 -4.91 0.05 -2.86
CA ASP A 123 -3.72 -0.16 -3.64
C ASP A 123 -3.14 -1.45 -3.18
N GLY A 124 -3.95 -2.26 -2.54
CA GLY A 124 -3.49 -3.56 -2.12
C GLY A 124 -2.79 -3.50 -0.79
N THR A 125 -2.64 -2.30 -0.24
CA THR A 125 -2.18 -2.26 1.13
C THR A 125 -3.39 -2.43 1.97
N SER A 126 -3.26 -2.16 3.25
CA SER A 126 -4.43 -2.25 4.09
C SER A 126 -5.03 -0.87 4.18
N ILE A 127 -4.57 0.03 3.33
CA ILE A 127 -5.11 1.37 3.39
C ILE A 127 -6.23 1.50 2.41
N LEU A 128 -7.36 1.91 2.95
CA LEU A 128 -8.47 2.26 2.12
C LEU A 128 -8.36 3.75 2.05
N TYR A 129 -8.16 4.25 0.85
CA TYR A 129 -7.96 5.67 0.69
C TYR A 129 -9.25 6.32 0.32
N GLU A 130 -9.46 7.49 0.87
CA GLU A 130 -10.55 8.30 0.41
C GLU A 130 -9.91 9.34 -0.43
N ILE A 131 -10.42 9.48 -1.63
CA ILE A 131 -9.79 10.38 -2.56
C ILE A 131 -10.83 11.35 -3.00
N ASP A 132 -10.48 12.61 -2.94
CA ASP A 132 -11.35 13.62 -3.47
C ASP A 132 -11.37 13.47 -4.98
N PRO A 133 -12.53 13.28 -5.58
CA PRO A 133 -12.58 13.10 -7.04
C PRO A 133 -12.49 14.42 -7.78
N HIS A 134 -12.39 15.52 -7.08
CA HIS A 134 -12.16 16.80 -7.75
C HIS A 134 -10.67 17.11 -7.76
N THR A 135 -10.04 17.02 -6.59
CA THR A 135 -8.64 17.39 -6.44
C THR A 135 -7.76 16.18 -6.60
N PHE A 136 -8.36 15.01 -6.37
CA PHE A 136 -7.64 13.75 -6.30
C PHE A 136 -6.61 13.71 -5.19
N LYS A 137 -6.78 14.62 -4.26
CA LYS A 137 -6.06 14.59 -3.01
C LYS A 137 -6.66 13.49 -2.19
N LEU A 138 -5.84 12.88 -1.36
CA LEU A 138 -6.34 12.02 -0.34
C LEU A 138 -7.13 12.85 0.63
N ILE A 139 -8.29 12.33 1.00
CA ILE A 139 -9.07 12.93 2.05
C ILE A 139 -8.64 12.26 3.34
N LYS A 140 -8.49 10.96 3.28
CA LYS A 140 -8.39 10.19 4.47
C LYS A 140 -7.80 8.88 4.05
N LYS A 141 -7.04 8.28 4.95
CA LYS A 141 -6.59 6.94 4.74
C LYS A 141 -7.10 6.17 5.90
N HIS A 142 -7.76 5.09 5.59
CA HIS A 142 -8.21 4.19 6.60
C HIS A 142 -7.24 3.06 6.60
N ASN A 143 -6.69 2.77 7.76
CA ASN A 143 -5.85 1.62 7.90
C ASN A 143 -6.74 0.54 8.33
N VAL A 144 -7.02 -0.34 7.40
CA VAL A 144 -7.97 -1.37 7.68
C VAL A 144 -7.28 -2.47 8.44
N LYS A 145 -7.89 -2.83 9.55
CA LYS A 145 -7.28 -3.80 10.40
C LYS A 145 -8.36 -4.71 10.81
N TYR A 146 -7.97 -5.95 11.03
CA TYR A 146 -8.90 -6.88 11.56
C TYR A 146 -8.15 -7.67 12.59
N ASN A 147 -8.68 -7.70 13.80
CA ASN A 147 -8.03 -8.44 14.89
C ASN A 147 -6.56 -8.08 15.01
N GLY A 148 -6.28 -6.79 14.83
CA GLY A 148 -4.94 -6.26 14.94
C GLY A 148 -4.13 -6.37 13.68
N HIS A 149 -4.61 -7.18 12.74
CA HIS A 149 -3.89 -7.46 11.53
C HIS A 149 -4.30 -6.48 10.49
N ARG A 150 -3.32 -6.04 9.74
CA ARG A 150 -3.62 -5.25 8.57
C ARG A 150 -4.46 -6.07 7.63
N VAL A 151 -5.48 -5.44 7.10
CA VAL A 151 -6.22 -6.11 6.08
C VAL A 151 -5.62 -5.60 4.79
N ILE A 152 -4.53 -6.24 4.39
CA ILE A 152 -3.87 -5.83 3.18
C ILE A 152 -4.62 -6.46 2.03
N ARG A 153 -4.21 -6.05 0.86
CA ARG A 153 -4.69 -6.61 -0.39
C ARG A 153 -6.09 -6.23 -0.66
N LEU A 154 -6.49 -5.10 -0.10
CA LEU A 154 -7.76 -4.53 -0.48
C LEU A 154 -7.66 -4.33 -1.94
N ASN A 155 -8.58 -4.97 -2.62
CA ASN A 155 -8.53 -4.95 -4.05
C ASN A 155 -9.73 -4.25 -4.60
N GLU A 156 -10.54 -4.94 -5.39
CA GLU A 156 -11.71 -4.32 -5.95
C GLU A 156 -12.57 -3.85 -4.83
N LEU A 157 -13.14 -2.68 -5.01
CA LEU A 157 -13.89 -2.10 -3.95
C LEU A 157 -15.27 -1.88 -4.43
N GLU A 158 -16.17 -1.81 -3.48
CA GLU A 158 -17.47 -1.40 -3.80
C GLU A 158 -18.00 -0.76 -2.60
N TYR A 159 -18.54 0.41 -2.81
CA TYR A 159 -19.17 1.08 -1.72
C TYR A 159 -20.58 0.60 -1.68
N ILE A 160 -20.97 0.11 -0.51
CA ILE A 160 -22.28 -0.44 -0.33
C ILE A 160 -22.75 0.05 0.98
N ASN A 161 -23.75 0.91 0.91
CA ASN A 161 -24.48 1.32 2.10
C ASN A 161 -23.55 1.83 3.17
N GLY A 162 -22.61 2.67 2.78
CA GLY A 162 -21.77 3.32 3.77
C GLY A 162 -20.55 2.49 4.06
N GLU A 163 -20.49 1.30 3.49
CA GLU A 163 -19.33 0.47 3.68
C GLU A 163 -18.58 0.39 2.40
N VAL A 164 -17.30 0.09 2.51
CA VAL A 164 -16.56 -0.20 1.31
C VAL A 164 -16.23 -1.63 1.46
N TRP A 165 -16.68 -2.40 0.50
CA TRP A 165 -16.36 -3.79 0.50
C TRP A 165 -15.20 -3.91 -0.39
N ALA A 166 -14.29 -4.72 0.03
CA ALA A 166 -13.08 -4.85 -0.71
C ALA A 166 -12.86 -6.30 -0.87
N ASN A 167 -12.67 -6.72 -2.11
CA ASN A 167 -12.07 -7.99 -2.29
C ASN A 167 -10.74 -7.95 -1.64
N ILE A 168 -10.36 -9.07 -1.06
CA ILE A 168 -9.03 -9.16 -0.55
C ILE A 168 -8.38 -10.04 -1.55
N TRP A 169 -7.43 -9.46 -2.22
CA TRP A 169 -6.78 -10.17 -3.29
C TRP A 169 -6.25 -11.50 -2.81
N GLN A 170 -6.55 -12.52 -3.61
CA GLN A 170 -6.08 -13.89 -3.41
C GLN A 170 -6.81 -14.51 -2.26
N THR A 171 -7.98 -13.98 -1.99
CA THR A 171 -8.83 -14.67 -1.05
C THR A 171 -10.15 -14.74 -1.71
N ASP A 172 -11.02 -15.51 -1.10
CA ASP A 172 -12.41 -15.51 -1.47
C ASP A 172 -13.17 -14.73 -0.46
N CYS A 173 -12.54 -13.72 0.06
CA CYS A 173 -13.16 -12.95 1.07
C CYS A 173 -13.35 -11.58 0.58
N ILE A 174 -14.36 -10.98 1.14
CA ILE A 174 -14.53 -9.58 0.93
C ILE A 174 -14.59 -8.97 2.29
N ALA A 175 -13.83 -7.91 2.44
CA ALA A 175 -13.84 -7.15 3.66
C ALA A 175 -14.92 -6.11 3.56
N ARG A 176 -15.74 -6.02 4.59
CA ARG A 176 -16.66 -4.90 4.68
C ARG A 176 -16.03 -3.92 5.58
N ILE A 177 -15.74 -2.76 5.02
CA ILE A 177 -14.94 -1.81 5.75
C ILE A 177 -15.77 -0.62 5.97
N SER A 178 -15.77 -0.17 7.20
CA SER A 178 -16.41 1.08 7.51
C SER A 178 -15.78 2.22 6.73
N ALA A 179 -16.62 2.98 6.04
CA ALA A 179 -16.17 4.20 5.37
C ALA A 179 -15.96 5.29 6.40
N LYS A 180 -16.38 5.03 7.64
CA LYS A 180 -16.21 5.99 8.72
C LYS A 180 -14.78 5.98 9.27
N ASP A 181 -14.29 4.82 9.70
CA ASP A 181 -12.97 4.72 10.29
C ASP A 181 -12.20 3.50 9.82
N GLY A 182 -12.65 2.90 8.72
CA GLY A 182 -11.89 1.80 8.17
C GLY A 182 -12.04 0.56 9.03
N THR A 183 -12.94 0.59 10.00
CA THR A 183 -13.20 -0.60 10.79
C THR A 183 -13.59 -1.74 9.89
N LEU A 184 -13.04 -2.90 10.15
CA LEU A 184 -13.45 -4.09 9.48
C LEU A 184 -14.80 -4.47 10.08
N LEU A 185 -15.85 -4.16 9.35
CA LEU A 185 -17.22 -4.34 9.83
C LEU A 185 -17.65 -5.76 9.69
N GLY A 186 -17.03 -6.48 8.78
CA GLY A 186 -17.51 -7.79 8.50
C GLY A 186 -16.67 -8.37 7.43
N TRP A 187 -16.65 -9.68 7.46
CA TRP A 187 -15.97 -10.44 6.47
C TRP A 187 -16.98 -11.20 5.71
N ILE A 188 -16.86 -11.17 4.41
CA ILE A 188 -17.74 -11.97 3.59
C ILE A 188 -16.86 -13.02 3.02
N LEU A 189 -17.30 -14.25 3.19
CA LEU A 189 -16.55 -15.38 2.74
C LEU A 189 -17.32 -15.86 1.56
N LEU A 190 -16.63 -16.01 0.45
CA LEU A 190 -17.30 -16.41 -0.77
C LEU A 190 -16.58 -17.57 -1.41
N PRO A 191 -16.07 -18.50 -0.63
CA PRO A 191 -15.20 -19.54 -1.20
C PRO A 191 -16.02 -20.39 -2.13
N ASN A 192 -17.34 -20.42 -1.90
CA ASN A 192 -18.24 -21.26 -2.67
C ASN A 192 -18.25 -20.87 -4.14
N LEU A 193 -18.04 -19.59 -4.43
CA LEU A 193 -18.16 -19.13 -5.80
C LEU A 193 -17.06 -19.71 -6.62
N ARG A 194 -15.83 -19.46 -6.20
CA ARG A 194 -14.71 -19.94 -6.96
C ARG A 194 -14.73 -21.44 -6.97
N LYS A 195 -15.09 -22.02 -5.83
CA LYS A 195 -15.00 -23.46 -5.67
C LYS A 195 -15.95 -24.12 -6.65
N LYS A 196 -17.19 -23.65 -6.67
CA LYS A 196 -18.21 -24.17 -7.57
C LYS A 196 -17.80 -23.98 -9.01
N LEU A 197 -17.22 -22.83 -9.32
CA LEU A 197 -16.76 -22.59 -10.68
C LEU A 197 -15.67 -23.57 -11.03
N ILE A 198 -14.75 -23.77 -10.10
CA ILE A 198 -13.70 -24.73 -10.37
C ILE A 198 -14.34 -26.11 -10.55
N ASP A 199 -15.31 -26.46 -9.72
CA ASP A 199 -16.04 -27.72 -9.81
C ASP A 199 -16.72 -27.85 -11.16
N GLU A 200 -17.15 -26.73 -11.71
CA GLU A 200 -17.81 -26.73 -12.99
C GLU A 200 -16.83 -26.84 -14.13
N GLY A 201 -15.53 -26.83 -13.80
CA GLY A 201 -14.50 -26.99 -14.79
C GLY A 201 -13.79 -25.71 -15.14
N PHE A 202 -14.16 -24.63 -14.48
CA PHE A 202 -13.45 -23.40 -14.74
C PHE A 202 -12.27 -23.37 -13.84
N ARG A 203 -11.31 -24.22 -14.16
CA ARG A 203 -10.32 -24.54 -13.16
C ARG A 203 -9.27 -23.49 -12.98
N ASP A 204 -9.07 -22.67 -14.00
CA ASP A 204 -8.02 -21.70 -13.87
C ASP A 204 -8.57 -20.33 -13.67
N ILE A 205 -9.82 -20.25 -13.25
CA ILE A 205 -10.29 -18.94 -12.89
C ILE A 205 -9.33 -18.33 -11.90
N ASP A 206 -9.19 -17.03 -12.03
CA ASP A 206 -8.30 -16.37 -11.15
C ASP A 206 -9.14 -15.97 -9.96
N VAL A 207 -8.72 -14.94 -9.27
CA VAL A 207 -9.28 -14.74 -7.96
C VAL A 207 -10.61 -14.06 -8.03
N LEU A 208 -11.34 -14.26 -6.96
CA LEU A 208 -12.52 -13.50 -6.71
C LEU A 208 -12.12 -12.05 -6.69
N ASN A 209 -12.82 -11.27 -7.47
CA ASN A 209 -12.51 -9.88 -7.51
C ASN A 209 -13.54 -9.18 -8.30
N GLY A 210 -14.12 -8.15 -7.73
CA GLY A 210 -15.12 -7.47 -8.49
C GLY A 210 -16.36 -7.59 -7.71
N ILE A 211 -16.77 -6.45 -7.24
CA ILE A 211 -17.95 -6.36 -6.43
C ILE A 211 -18.67 -5.20 -7.00
N ALA A 212 -19.95 -5.37 -7.25
CA ALA A 212 -20.71 -4.26 -7.78
C ALA A 212 -21.98 -4.27 -7.04
N TRP A 213 -22.42 -3.08 -6.69
CA TRP A 213 -23.57 -2.96 -5.88
C TRP A 213 -24.58 -2.21 -6.64
N ASP A 214 -25.75 -2.83 -6.69
CA ASP A 214 -26.87 -2.25 -7.33
C ASP A 214 -27.74 -1.74 -6.21
N GLN A 215 -27.66 -0.44 -5.97
CA GLN A 215 -28.37 0.15 -4.88
C GLN A 215 -29.85 0.17 -5.20
N GLU A 216 -30.17 0.30 -6.48
CA GLU A 216 -31.58 0.43 -6.84
C GLU A 216 -32.31 -0.85 -6.49
N ASN A 217 -31.74 -1.99 -6.89
CA ASN A 217 -32.40 -3.25 -6.64
C ASN A 217 -31.84 -4.00 -5.46
N LYS A 218 -30.79 -3.44 -4.89
CA LYS A 218 -30.14 -4.01 -3.72
C LYS A 218 -29.61 -5.36 -4.12
N ARG A 219 -28.71 -5.32 -5.08
CA ARG A 219 -28.10 -6.54 -5.51
C ARG A 219 -26.63 -6.37 -5.42
N ILE A 220 -26.01 -7.38 -4.88
CA ILE A 220 -24.58 -7.42 -4.80
C ILE A 220 -24.15 -8.35 -5.87
N PHE A 221 -23.21 -7.91 -6.67
CA PHE A 221 -22.68 -8.75 -7.70
C PHE A 221 -21.26 -8.90 -7.43
N VAL A 222 -20.80 -10.11 -7.56
CA VAL A 222 -19.40 -10.35 -7.43
C VAL A 222 -18.98 -11.22 -8.55
N THR A 223 -17.75 -11.06 -8.95
CA THR A 223 -17.26 -11.98 -9.92
C THR A 223 -15.83 -12.12 -9.60
N GLY A 224 -15.05 -12.56 -10.56
CA GLY A 224 -13.68 -12.72 -10.27
C GLY A 224 -13.00 -12.69 -11.59
N LYS A 225 -11.70 -12.73 -11.51
CA LYS A 225 -10.89 -12.53 -12.65
C LYS A 225 -10.94 -13.78 -13.46
N LEU A 226 -11.34 -13.61 -14.71
CA LEU A 226 -11.46 -14.69 -15.66
C LEU A 226 -12.58 -15.60 -15.24
N TRP A 227 -13.48 -15.09 -14.42
CA TRP A 227 -14.60 -15.89 -14.02
C TRP A 227 -15.60 -15.84 -15.10
N PRO A 228 -16.19 -16.99 -15.37
CA PRO A 228 -17.21 -17.08 -16.41
C PRO A 228 -18.53 -16.64 -15.88
N LYS A 229 -18.60 -16.35 -14.61
CA LYS A 229 -19.86 -15.99 -14.02
C LYS A 229 -19.66 -14.86 -13.13
N LEU A 230 -20.72 -14.11 -13.02
CA LEU A 230 -20.79 -13.04 -12.08
C LEU A 230 -22.00 -13.43 -11.29
N PHE A 231 -21.92 -13.20 -10.00
CA PHE A 231 -22.89 -13.75 -9.10
C PHE A 231 -23.57 -12.65 -8.41
N GLU A 232 -24.87 -12.75 -8.38
CA GLU A 232 -25.61 -11.92 -7.50
C GLU A 232 -25.66 -12.72 -6.23
N ILE A 233 -25.23 -12.10 -5.15
CA ILE A 233 -25.11 -12.82 -3.91
C ILE A 233 -25.91 -12.13 -2.86
N LYS A 234 -26.36 -12.95 -1.92
CA LYS A 234 -26.96 -12.44 -0.72
C LYS A 234 -26.08 -12.91 0.37
N LEU A 235 -25.78 -11.98 1.25
CA LEU A 235 -24.97 -12.27 2.40
C LEU A 235 -25.86 -12.86 3.46
N HIS A 236 -25.30 -13.85 4.12
CA HIS A 236 -25.94 -14.43 5.29
C HIS A 236 -24.93 -14.41 6.38
N LEU A 237 -25.32 -13.77 7.46
CA LEU A 237 -24.49 -13.72 8.63
C LEU A 237 -24.23 -15.11 9.10
N VAL A 238 -22.96 -15.39 9.32
CA VAL A 238 -22.63 -16.66 9.89
C VAL A 238 -23.03 -16.53 11.35
N ARG A 239 -23.84 -17.47 11.80
CA ARG A 239 -24.39 -17.38 13.14
C ARG A 239 -23.59 -18.30 14.04
N HIS A 240 -23.01 -19.34 13.44
CA HIS A 240 -22.19 -20.27 14.19
C HIS A 240 -20.84 -19.67 14.51
N ARG A 241 -20.16 -20.26 15.49
CA ARG A 241 -18.85 -19.80 15.88
C ARG A 241 -17.88 -20.10 14.76
N ILE A 242 -17.05 -19.11 14.48
CA ILE A 242 -16.02 -19.27 13.47
C ILE A 242 -14.74 -19.51 14.24
N PRO A 243 -14.01 -20.55 13.85
CA PRO A 243 -12.75 -20.92 14.53
C PRO A 243 -11.87 -19.69 14.70
N ASP A 244 -11.12 -19.62 15.80
CA ASP A 244 -10.18 -18.54 15.97
C ASP A 244 -9.19 -18.61 14.83
N GLY A 245 -8.79 -17.44 14.34
CA GLY A 245 -7.84 -17.37 13.26
C GLY A 245 -8.44 -17.75 11.92
N TYR A 246 -9.73 -18.05 11.89
CA TYR A 246 -10.32 -18.55 10.67
C TYR A 246 -10.21 -17.47 9.60
N ILE A 247 -10.66 -16.28 9.95
CA ILE A 247 -10.64 -15.18 9.02
C ILE A 247 -9.21 -14.81 8.70
N GLU A 248 -8.36 -14.83 9.71
CA GLU A 248 -6.97 -14.49 9.49
C GLU A 248 -6.38 -15.42 8.46
N ARG A 249 -6.69 -16.71 8.57
CA ARG A 249 -6.19 -17.70 7.62
C ARG A 249 -6.78 -17.50 6.24
N HIS A 250 -8.09 -17.35 6.17
CA HIS A 250 -8.74 -17.43 4.88
C HIS A 250 -8.82 -16.10 4.20
N CYS A 251 -8.86 -15.04 4.99
CA CYS A 251 -9.06 -13.72 4.42
C CYS A 251 -7.83 -12.90 4.47
N LEU A 252 -6.97 -13.22 5.41
CA LEU A 252 -5.77 -12.41 5.55
C LEU A 252 -4.58 -13.25 5.15
N ASN A 253 -4.86 -14.49 4.75
CA ASN A 253 -3.82 -15.41 4.36
C ASN A 253 -2.68 -15.41 5.39
N LEU A 254 -3.08 -15.35 6.67
CA LEU A 254 -2.23 -15.21 7.87
C LEU A 254 -2.02 -13.76 8.32
N ARG B 5 12.58 6.73 26.47
CA ARG B 5 11.36 6.00 26.05
C ARG B 5 10.69 6.71 24.88
N VAL B 6 10.21 7.94 25.07
CA VAL B 6 9.58 8.67 23.96
C VAL B 6 10.34 9.95 23.66
N TYR B 7 10.55 10.21 22.37
CA TYR B 7 11.27 11.40 21.98
C TYR B 7 10.42 12.21 21.07
N ILE B 8 10.54 13.50 21.20
CA ILE B 8 10.01 14.37 20.21
C ILE B 8 11.22 14.85 19.47
N VAL B 9 10.99 15.56 18.38
CA VAL B 9 12.11 15.95 17.57
C VAL B 9 12.07 17.42 17.34
N GLU B 10 13.26 17.97 17.38
CA GLU B 10 13.43 19.35 17.08
C GLU B 10 14.10 19.35 15.74
N VAL B 11 13.62 20.21 14.86
CA VAL B 11 14.28 20.36 13.60
C VAL B 11 15.48 21.24 13.82
N LEU B 12 16.62 20.74 13.42
CA LEU B 12 17.83 21.52 13.55
C LEU B 12 18.09 22.24 12.25
N ASN B 13 17.66 21.61 11.18
CA ASN B 13 17.88 22.14 9.87
C ASN B 13 16.88 21.51 8.99
N GLU B 14 16.49 22.27 8.00
CA GLU B 14 15.65 21.77 6.97
C GLU B 14 16.50 21.86 5.75
N PHE B 15 16.38 20.85 4.92
CA PHE B 15 17.09 20.83 3.67
C PHE B 15 16.04 20.50 2.65
N PRO B 16 16.22 20.99 1.44
CA PRO B 16 15.27 20.68 0.39
C PRO B 16 15.33 19.22 0.16
N HIS B 17 14.16 18.66 -0.03
CA HIS B 17 14.11 17.31 -0.43
C HIS B 17 13.23 17.37 -1.65
N ASP B 18 13.57 16.58 -2.65
CA ASP B 18 12.77 16.53 -3.83
C ASP B 18 11.34 16.21 -3.41
N PRO B 19 10.41 17.13 -3.62
CA PRO B 19 9.06 16.88 -3.15
C PRO B 19 8.35 15.87 -4.01
N TYR B 20 9.00 15.41 -5.06
CA TYR B 20 8.43 14.35 -5.88
C TYR B 20 9.07 13.03 -5.55
N ALA B 21 9.99 13.05 -4.60
CA ALA B 21 10.65 11.82 -4.19
C ALA B 21 9.79 11.14 -3.17
N PHE B 22 9.28 9.99 -3.55
CA PHE B 22 8.47 9.21 -2.65
C PHE B 22 9.45 8.38 -1.87
N THR B 23 9.99 8.99 -0.83
CA THR B 23 11.14 8.42 -0.15
C THR B 23 10.84 7.10 0.47
N GLN B 24 11.61 6.10 0.09
CA GLN B 24 11.42 4.81 0.69
C GLN B 24 12.69 4.32 1.31
N GLY B 25 13.79 4.97 0.97
CA GLY B 25 15.06 4.51 1.46
C GLY B 25 15.85 5.76 1.59
N LEU B 26 16.52 5.90 2.72
CA LEU B 26 17.27 7.10 2.91
C LEU B 26 18.52 6.69 3.60
N VAL B 27 19.59 7.15 3.02
CA VAL B 27 20.90 6.78 3.47
C VAL B 27 21.69 8.05 3.57
N TYR B 28 22.47 8.12 4.60
CA TYR B 28 23.48 9.14 4.64
C TYR B 28 24.76 8.41 4.40
N ALA B 29 25.51 8.86 3.41
CA ALA B 29 26.74 8.16 3.09
C ALA B 29 27.82 8.95 3.81
N GLU B 30 28.21 10.06 3.22
CA GLU B 30 29.20 10.91 3.83
C GLU B 30 29.19 12.18 3.03
N ASN B 31 29.92 13.17 3.52
CA ASN B 31 30.11 14.37 2.73
C ASN B 31 28.80 14.92 2.25
N ASP B 32 27.81 14.92 3.12
CA ASP B 32 26.51 15.49 2.82
C ASP B 32 25.93 14.85 1.59
N THR B 33 26.20 13.57 1.46
CA THR B 33 25.64 12.85 0.35
C THR B 33 24.72 11.85 0.96
N LEU B 34 23.51 11.89 0.45
CA LEU B 34 22.53 10.96 0.87
C LEU B 34 22.34 10.04 -0.29
N PHE B 35 21.85 8.86 -0.01
CA PHE B 35 21.28 8.09 -1.07
C PHE B 35 19.86 7.88 -0.69
N GLU B 36 19.05 7.80 -1.71
CA GLU B 36 17.66 7.76 -1.44
C GLU B 36 17.09 6.78 -2.39
N SER B 37 16.20 5.96 -1.88
CA SER B 37 15.44 5.12 -2.75
C SER B 37 14.08 5.76 -2.76
N THR B 38 13.56 5.95 -3.94
CA THR B 38 12.21 6.46 -4.00
C THR B 38 11.32 5.40 -4.54
N GLY B 39 10.07 5.52 -4.15
CA GLY B 39 9.07 4.57 -4.55
C GLY B 39 8.19 5.18 -5.60
N LEU B 40 7.02 4.58 -5.69
CA LEU B 40 6.03 4.79 -6.72
C LEU B 40 6.48 4.12 -7.97
N TYR B 41 5.57 3.31 -8.47
CA TYR B 41 5.84 2.66 -9.71
C TYR B 41 6.00 3.73 -10.78
N GLY B 42 7.09 3.60 -11.51
CA GLY B 42 7.39 4.53 -12.58
C GLY B 42 8.20 5.68 -12.07
N ARG B 43 8.39 5.74 -10.77
CA ARG B 43 9.15 6.82 -10.19
C ARG B 43 10.21 6.34 -9.28
N SER B 44 10.34 5.03 -9.20
CA SER B 44 11.24 4.48 -8.24
C SER B 44 12.62 4.71 -8.72
N SER B 45 13.48 5.01 -7.77
CA SER B 45 14.79 5.39 -8.17
C SER B 45 15.68 5.14 -7.03
N VAL B 46 16.96 5.06 -7.34
CA VAL B 46 17.95 5.15 -6.30
C VAL B 46 18.70 6.40 -6.67
N ARG B 47 18.94 7.22 -5.67
CA ARG B 47 19.51 8.52 -5.94
C ARG B 47 20.62 8.80 -5.03
N GLN B 48 21.59 9.50 -5.57
CA GLN B 48 22.56 10.15 -4.78
C GLN B 48 22.07 11.56 -4.69
N VAL B 49 21.98 12.04 -3.46
CA VAL B 49 21.38 13.32 -3.22
C VAL B 49 22.30 14.14 -2.35
N ALA B 50 22.48 15.38 -2.75
CA ALA B 50 23.24 16.31 -1.97
C ALA B 50 22.36 16.69 -0.81
N LEU B 51 22.86 16.51 0.40
CA LEU B 51 22.08 16.83 1.57
C LEU B 51 21.61 18.26 1.53
N GLN B 52 22.53 19.18 1.27
CA GLN B 52 22.27 20.59 1.53
C GLN B 52 21.17 21.09 0.65
N THR B 53 21.11 20.54 -0.56
CA THR B 53 20.26 21.09 -1.58
C THR B 53 19.16 20.17 -1.95
N GLY B 54 19.27 18.90 -1.55
CA GLY B 54 18.35 17.88 -2.01
C GLY B 54 18.54 17.59 -3.47
N LYS B 55 19.60 18.14 -4.07
CA LYS B 55 19.79 17.94 -5.48
C LYS B 55 20.15 16.52 -5.72
N VAL B 56 19.46 15.93 -6.68
CA VAL B 56 19.74 14.58 -7.05
C VAL B 56 20.96 14.63 -7.93
N GLU B 57 22.03 14.06 -7.42
CA GLU B 57 23.31 14.16 -8.08
C GLU B 57 23.51 13.00 -8.99
N ASN B 58 22.88 11.89 -8.63
CA ASN B 58 22.90 10.74 -9.47
C ASN B 58 21.63 10.00 -9.26
N ILE B 59 21.15 9.40 -10.32
CA ILE B 59 19.91 8.70 -10.17
C ILE B 59 19.93 7.47 -11.01
N HIS B 60 19.46 6.40 -10.41
CA HIS B 60 19.18 5.21 -11.14
C HIS B 60 17.68 5.15 -11.16
N LYS B 61 17.10 5.21 -12.36
CA LYS B 61 15.67 5.09 -12.49
C LYS B 61 15.38 3.61 -12.51
N MET B 62 14.52 3.17 -11.61
CA MET B 62 14.20 1.77 -11.58
C MET B 62 13.24 1.48 -12.69
N ASP B 63 13.09 0.19 -12.96
CA ASP B 63 12.07 -0.21 -13.87
C ASP B 63 10.75 0.26 -13.30
N ASP B 64 9.84 0.56 -14.20
CA ASP B 64 8.51 1.05 -13.85
C ASP B 64 7.74 0.02 -13.03
N SER B 65 8.13 -1.23 -13.14
CA SER B 65 7.41 -2.30 -12.45
C SER B 65 7.79 -2.34 -10.98
N TYR B 66 8.83 -1.59 -10.62
CA TYR B 66 9.32 -1.62 -9.27
C TYR B 66 8.85 -0.45 -8.48
N PHE B 67 8.61 -0.74 -7.23
CA PHE B 67 8.32 0.28 -6.25
C PHE B 67 9.48 0.26 -5.31
N GLY B 68 10.40 1.17 -5.56
CA GLY B 68 11.61 1.23 -4.77
C GLY B 68 11.23 1.33 -3.32
N GLU B 69 11.96 0.59 -2.50
CA GLU B 69 11.71 0.65 -1.10
C GLU B 69 13.00 0.95 -0.41
N GLY B 70 13.24 0.26 0.70
CA GLY B 70 14.35 0.58 1.60
C GLY B 70 15.69 0.54 0.93
N LEU B 71 16.61 1.30 1.49
CA LEU B 71 17.88 1.44 0.86
C LEU B 71 18.83 1.56 1.98
N THR B 72 19.94 0.86 1.84
CA THR B 72 20.99 1.12 2.78
C THR B 72 22.28 1.03 2.03
N LEU B 73 23.34 1.47 2.69
CA LEU B 73 24.61 1.55 2.05
C LEU B 73 25.51 0.72 2.90
N LEU B 74 26.11 -0.27 2.26
CA LEU B 74 26.97 -1.19 2.95
C LEU B 74 28.12 -1.47 2.01
N ASN B 75 29.33 -1.22 2.50
CA ASN B 75 30.51 -1.58 1.73
C ASN B 75 30.44 -1.01 0.32
N GLU B 76 30.15 0.29 0.25
CA GLU B 76 30.12 1.02 -1.01
C GLU B 76 29.02 0.53 -1.94
N LYS B 77 28.15 -0.30 -1.43
CA LYS B 77 27.06 -0.76 -2.27
C LYS B 77 25.77 -0.38 -1.61
N LEU B 78 24.83 0.01 -2.43
CA LEU B 78 23.51 0.32 -1.95
C LEU B 78 22.71 -0.93 -2.10
N TYR B 79 22.01 -1.29 -1.04
CA TYR B 79 21.10 -2.40 -1.06
C TYR B 79 19.75 -1.81 -1.06
N GLN B 80 18.92 -2.31 -1.93
CA GLN B 80 17.62 -1.74 -2.03
C GLN B 80 16.66 -2.87 -2.07
N VAL B 81 15.55 -2.69 -1.38
CA VAL B 81 14.49 -3.64 -1.57
C VAL B 81 13.38 -2.92 -2.29
N VAL B 82 12.36 -3.69 -2.67
CA VAL B 82 11.32 -3.13 -3.46
C VAL B 82 10.06 -3.73 -2.95
N TRP B 83 9.00 -3.00 -3.20
CA TRP B 83 7.76 -3.32 -2.60
C TRP B 83 7.15 -4.55 -3.23
N LEU B 84 6.72 -5.46 -2.37
CA LEU B 84 5.94 -6.63 -2.77
C LEU B 84 6.78 -7.58 -3.55
N LYS B 85 8.08 -7.45 -3.41
CA LYS B 85 8.96 -8.41 -4.02
C LYS B 85 9.99 -8.80 -3.00
N ASN B 86 10.58 -9.97 -3.18
CA ASN B 86 11.62 -10.40 -2.30
C ASN B 86 12.93 -10.15 -2.96
N ILE B 87 12.86 -9.48 -4.10
CA ILE B 87 14.05 -9.12 -4.85
C ILE B 87 14.63 -7.87 -4.21
N GLY B 88 15.94 -7.86 -4.16
CA GLY B 88 16.66 -6.69 -3.73
C GLY B 88 17.62 -6.33 -4.84
N PHE B 89 17.99 -5.07 -4.86
CA PHE B 89 18.90 -4.58 -5.86
C PHE B 89 20.09 -4.06 -5.13
N ILE B 90 21.23 -4.34 -5.71
CA ILE B 90 22.46 -3.81 -5.17
C ILE B 90 22.98 -2.89 -6.22
N TYR B 91 23.41 -1.71 -5.77
CA TYR B 91 23.90 -0.74 -6.67
C TYR B 91 25.27 -0.37 -6.23
N ASP B 92 26.10 -0.12 -7.23
CA ASP B 92 27.36 0.52 -7.00
C ASP B 92 26.96 1.92 -6.57
N ARG B 93 27.46 2.35 -5.42
CA ARG B 93 27.07 3.66 -4.92
C ARG B 93 27.55 4.83 -5.80
N ARG B 94 28.62 4.63 -6.57
CA ARG B 94 29.12 5.71 -7.42
C ARG B 94 28.30 5.90 -8.69
N THR B 95 27.96 4.79 -9.33
CA THR B 95 27.34 4.85 -10.65
C THR B 95 25.87 4.61 -10.52
N LEU B 96 25.48 4.04 -9.39
CA LEU B 96 24.11 3.59 -9.16
C LEU B 96 23.68 2.54 -10.16
N SER B 97 24.65 1.93 -10.81
CA SER B 97 24.34 0.81 -11.65
C SER B 97 23.97 -0.33 -10.74
N ASN B 98 22.93 -1.04 -11.13
CA ASN B 98 22.50 -2.21 -10.41
C ASN B 98 23.49 -3.32 -10.72
N ILE B 99 24.37 -3.59 -9.76
CA ILE B 99 25.50 -4.48 -10.01
C ILE B 99 25.18 -5.91 -9.64
N LYS B 100 24.23 -6.07 -8.74
CA LYS B 100 23.86 -7.39 -8.26
C LYS B 100 22.45 -7.27 -7.76
N ASN B 101 21.75 -8.39 -7.78
CA ASN B 101 20.50 -8.48 -7.09
C ASN B 101 20.63 -9.48 -6.00
N PHE B 102 19.65 -9.43 -5.15
CA PHE B 102 19.52 -10.44 -4.16
C PHE B 102 18.07 -10.71 -4.03
N THR B 103 17.77 -11.75 -3.26
CA THR B 103 16.44 -12.01 -2.82
C THR B 103 16.64 -12.05 -1.34
N HIS B 104 15.61 -11.69 -0.60
CA HIS B 104 15.70 -11.81 0.83
C HIS B 104 14.46 -12.57 1.20
N GLN B 105 14.35 -12.89 2.48
CA GLN B 105 13.30 -13.76 2.94
C GLN B 105 12.29 -13.02 3.77
N MET B 106 12.29 -11.69 3.65
CA MET B 106 11.25 -10.94 4.32
C MET B 106 9.99 -11.12 3.51
N LYS B 107 8.89 -10.62 4.05
CA LYS B 107 7.59 -10.83 3.46
C LYS B 107 7.35 -9.79 2.39
N ASP B 108 8.29 -8.85 2.33
CA ASP B 108 8.16 -7.67 1.52
C ASP B 108 9.50 -6.96 1.64
N GLY B 109 9.67 -5.91 0.88
CA GLY B 109 10.86 -5.12 1.03
C GLY B 109 10.42 -3.73 1.40
N TRP B 110 10.57 -3.39 2.67
CA TRP B 110 10.28 -2.04 3.06
C TRP B 110 11.58 -1.37 3.33
N GLY B 111 12.07 -1.54 4.54
CA GLY B 111 13.22 -0.77 4.96
C GLY B 111 14.48 -1.60 4.92
N LEU B 112 15.59 -0.89 4.80
CA LEU B 112 16.87 -1.52 4.93
C LEU B 112 17.72 -0.61 5.72
N ALA B 113 18.56 -1.19 6.54
CA ALA B 113 19.55 -0.43 7.26
C ALA B 113 20.73 -1.36 7.35
N THR B 114 21.79 -0.87 7.93
CA THR B 114 22.95 -1.71 8.07
C THR B 114 23.76 -1.16 9.18
N ASP B 115 24.40 -2.07 9.90
CA ASP B 115 25.35 -1.68 10.91
C ASP B 115 26.75 -1.66 10.31
N GLY B 116 26.83 -1.88 9.00
CA GLY B 116 28.10 -1.89 8.31
C GLY B 116 28.63 -3.30 8.22
N LYS B 117 27.92 -4.24 8.85
CA LYS B 117 28.27 -5.64 8.75
C LYS B 117 27.11 -6.41 8.13
N ILE B 118 25.93 -6.28 8.73
CA ILE B 118 24.77 -6.96 8.20
C ILE B 118 23.74 -5.98 7.71
N LEU B 119 22.76 -6.50 6.97
CA LEU B 119 21.64 -5.68 6.56
C LEU B 119 20.55 -5.85 7.59
N TYR B 120 19.84 -4.76 7.86
CA TYR B 120 18.62 -4.86 8.62
C TYR B 120 17.55 -4.64 7.61
N GLY B 121 16.49 -5.40 7.75
CA GLY B 121 15.42 -5.28 6.80
C GLY B 121 14.14 -5.17 7.55
N SER B 122 13.20 -4.46 6.95
CA SER B 122 11.86 -4.45 7.47
C SER B 122 11.06 -4.68 6.24
N ASP B 123 9.85 -5.13 6.48
CA ASP B 123 9.00 -5.47 5.38
C ASP B 123 7.61 -5.11 5.77
N GLY B 124 7.49 -4.21 6.73
CA GLY B 124 6.19 -3.75 7.14
C GLY B 124 5.53 -4.67 8.13
N THR B 125 6.14 -5.80 8.41
CA THR B 125 5.66 -6.55 9.54
C THR B 125 6.35 -5.97 10.75
N SER B 126 6.21 -6.66 11.87
CA SER B 126 6.86 -6.24 13.07
C SER B 126 8.21 -6.87 13.18
N ILE B 127 8.64 -7.51 12.11
CA ILE B 127 9.93 -8.17 12.12
C ILE B 127 11.01 -7.24 11.65
N LEU B 128 11.99 -7.02 12.51
CA LEU B 128 13.20 -6.41 12.06
C LEU B 128 14.12 -7.54 11.66
N TYR B 129 14.47 -7.58 10.38
CA TYR B 129 15.27 -8.68 9.89
C TYR B 129 16.70 -8.33 9.94
N GLU B 130 17.50 -9.30 10.35
CA GLU B 130 18.91 -9.20 10.12
C GLU B 130 19.18 -10.09 8.95
N ILE B 131 19.76 -9.50 7.93
CA ILE B 131 20.01 -10.20 6.71
C ILE B 131 21.50 -10.17 6.49
N ASP B 132 22.06 -11.33 6.18
CA ASP B 132 23.45 -11.42 5.83
C ASP B 132 23.60 -10.84 4.45
N PRO B 133 24.45 -9.82 4.33
CA PRO B 133 24.66 -9.12 3.07
C PRO B 133 25.43 -9.92 2.02
N HIS B 134 25.96 -11.08 2.41
CA HIS B 134 26.65 -11.96 1.46
C HIS B 134 25.72 -13.07 0.99
N THR B 135 25.04 -13.70 1.93
CA THR B 135 24.16 -14.83 1.62
C THR B 135 22.74 -14.37 1.35
N PHE B 136 22.40 -13.20 1.89
CA PHE B 136 21.05 -12.64 1.82
C PHE B 136 20.02 -13.53 2.49
N LYS B 137 20.51 -14.37 3.37
CA LYS B 137 19.66 -15.16 4.23
C LYS B 137 19.52 -14.43 5.55
N LEU B 138 18.41 -14.65 6.21
CA LEU B 138 18.20 -14.12 7.54
C LEU B 138 19.23 -14.64 8.51
N ILE B 139 19.72 -13.73 9.35
CA ILE B 139 20.57 -14.08 10.46
C ILE B 139 19.64 -14.20 11.63
N LYS B 140 18.78 -13.21 11.77
CA LYS B 140 17.85 -13.14 12.88
C LYS B 140 16.58 -12.41 12.44
N LYS B 141 15.50 -12.71 13.12
CA LYS B 141 14.26 -11.99 12.95
C LYS B 141 13.95 -11.42 14.32
N HIS B 142 13.86 -10.11 14.40
CA HIS B 142 13.51 -9.49 15.65
C HIS B 142 12.04 -9.21 15.62
N ASN B 143 11.32 -9.80 16.55
CA ASN B 143 9.91 -9.52 16.74
C ASN B 143 9.78 -8.20 17.46
N VAL B 144 9.62 -7.12 16.70
CA VAL B 144 9.54 -5.82 17.32
C VAL B 144 8.17 -5.63 17.92
N LYS B 145 8.17 -5.45 19.22
CA LYS B 145 6.96 -5.36 19.96
C LYS B 145 7.04 -4.18 20.87
N TYR B 146 5.89 -3.61 21.16
CA TYR B 146 5.83 -2.56 22.11
C TYR B 146 4.60 -2.80 22.93
N ASN B 147 4.80 -2.89 24.25
CA ASN B 147 3.71 -3.19 25.16
C ASN B 147 2.90 -4.40 24.69
N GLY B 148 3.61 -5.43 24.20
CA GLY B 148 2.98 -6.65 23.75
C GLY B 148 2.47 -6.59 22.31
N HIS B 149 2.41 -5.39 21.76
CA HIS B 149 1.89 -5.22 20.41
C HIS B 149 3.00 -5.38 19.42
N ARG B 150 2.72 -6.11 18.36
CA ARG B 150 3.64 -6.16 17.23
C ARG B 150 3.71 -4.75 16.72
N VAL B 151 4.91 -4.25 16.57
CA VAL B 151 5.10 -2.96 15.94
C VAL B 151 5.23 -3.27 14.47
N ILE B 152 4.11 -3.24 13.77
CA ILE B 152 4.17 -3.54 12.38
C ILE B 152 4.49 -2.28 11.63
N ARG B 153 4.60 -2.44 10.33
CA ARG B 153 4.81 -1.34 9.41
C ARG B 153 6.14 -0.69 9.63
N LEU B 154 7.06 -1.46 10.22
CA LEU B 154 8.44 -1.07 10.23
C LEU B 154 8.79 -0.81 8.80
N ASN B 155 9.28 0.39 8.59
CA ASN B 155 9.46 0.80 7.25
C ASN B 155 10.89 1.23 7.05
N GLU B 156 11.11 2.47 6.65
CA GLU B 156 12.47 2.85 6.35
C GLU B 156 13.27 2.71 7.63
N LEU B 157 14.47 2.22 7.46
CA LEU B 157 15.26 1.89 8.61
C LEU B 157 16.47 2.70 8.58
N GLU B 158 17.03 2.84 9.75
CA GLU B 158 18.33 3.45 9.81
C GLU B 158 18.95 2.88 11.02
N TYR B 159 20.14 2.38 10.82
CA TYR B 159 20.90 1.88 11.93
C TYR B 159 21.61 3.07 12.52
N ILE B 160 21.35 3.29 13.79
CA ILE B 160 21.95 4.41 14.49
C ILE B 160 22.42 3.90 15.81
N ASN B 161 23.75 3.82 15.96
CA ASN B 161 24.35 3.55 17.25
C ASN B 161 23.77 2.32 17.90
N GLY B 162 23.80 1.21 17.15
CA GLY B 162 23.36 -0.06 17.69
C GLY B 162 21.86 -0.20 17.73
N GLU B 163 21.17 0.80 17.21
CA GLU B 163 19.72 0.72 17.11
C GLU B 163 19.34 0.76 15.67
N VAL B 164 18.21 0.14 15.37
CA VAL B 164 17.63 0.34 14.07
C VAL B 164 16.43 1.22 14.33
N TRP B 165 16.41 2.34 13.65
CA TRP B 165 15.27 3.19 13.78
C TRP B 165 14.46 2.86 12.59
N ALA B 166 13.17 2.78 12.83
CA ALA B 166 12.27 2.40 11.77
C ALA B 166 11.19 3.41 11.76
N ASN B 167 10.98 3.99 10.60
CA ASN B 167 9.72 4.63 10.39
C ASN B 167 8.65 3.60 10.56
N ILE B 168 7.55 4.03 11.11
CA ILE B 168 6.39 3.17 11.14
C ILE B 168 5.50 3.75 10.08
N TRP B 169 5.34 2.99 9.04
CA TRP B 169 4.59 3.52 7.92
C TRP B 169 3.24 4.01 8.35
N GLN B 170 2.92 5.20 7.87
CA GLN B 170 1.65 5.86 8.09
C GLN B 170 1.61 6.55 9.42
N THR B 171 2.72 6.56 10.13
CA THR B 171 2.72 7.32 11.35
C THR B 171 3.80 8.35 11.24
N ASP B 172 3.82 9.23 12.23
CA ASP B 172 4.90 10.16 12.37
C ASP B 172 5.84 9.68 13.43
N CYS B 173 5.91 8.38 13.56
CA CYS B 173 6.69 7.78 14.59
C CYS B 173 7.84 7.06 14.00
N ILE B 174 8.91 7.06 14.75
CA ILE B 174 10.03 6.23 14.43
C ILE B 174 10.26 5.40 15.65
N ALA B 175 10.33 4.10 15.43
CA ALA B 175 10.59 3.18 16.49
C ALA B 175 12.08 3.08 16.55
N ARG B 176 12.62 3.19 17.74
CA ARG B 176 14.03 2.90 17.94
C ARG B 176 14.07 1.49 18.43
N ILE B 177 14.76 0.66 17.69
CA ILE B 177 14.70 -0.76 17.92
C ILE B 177 16.09 -1.23 18.21
N SER B 178 16.22 -1.98 19.30
CA SER B 178 17.49 -2.63 19.57
C SER B 178 17.85 -3.58 18.43
N ALA B 179 19.06 -3.43 17.93
CA ALA B 179 19.62 -4.37 16.96
C ALA B 179 19.97 -5.69 17.66
N LYS B 180 19.86 -5.69 18.98
CA LYS B 180 20.17 -6.86 19.82
C LYS B 180 18.99 -7.83 19.89
N ASP B 181 17.84 -7.37 20.36
CA ASP B 181 16.68 -8.23 20.50
C ASP B 181 15.39 -7.66 19.90
N GLY B 182 15.51 -6.55 19.18
CA GLY B 182 14.33 -5.94 18.59
C GLY B 182 13.48 -5.23 19.64
N THR B 183 14.03 -5.08 20.84
CA THR B 183 13.36 -4.34 21.88
C THR B 183 13.08 -2.94 21.39
N LEU B 184 11.89 -2.46 21.69
CA LEU B 184 11.52 -1.08 21.42
C LEU B 184 12.21 -0.23 22.47
N LEU B 185 13.29 0.41 22.05
CA LEU B 185 14.13 1.18 22.93
C LEU B 185 13.56 2.55 23.14
N GLY B 186 12.74 2.98 22.19
CA GLY B 186 12.26 4.33 22.25
C GLY B 186 11.33 4.58 21.11
N TRP B 187 10.45 5.52 21.33
CA TRP B 187 9.60 5.97 20.26
C TRP B 187 9.97 7.37 19.98
N ILE B 188 10.15 7.66 18.71
CA ILE B 188 10.37 9.04 18.31
C ILE B 188 9.10 9.47 17.65
N LEU B 189 8.59 10.58 18.15
CA LEU B 189 7.39 11.15 17.63
C LEU B 189 7.83 12.31 16.81
N LEU B 190 7.41 12.32 15.57
CA LEU B 190 7.87 13.38 14.71
C LEU B 190 6.71 14.05 14.02
N PRO B 191 5.56 14.16 14.67
CA PRO B 191 4.37 14.63 13.96
C PRO B 191 4.58 16.04 13.51
N ASN B 192 5.46 16.76 14.19
CA ASN B 192 5.67 18.15 13.91
C ASN B 192 6.28 18.37 12.53
N LEU B 193 6.96 17.38 12.01
CA LEU B 193 7.60 17.57 10.73
C LEU B 193 6.55 17.64 9.65
N ARG B 194 5.72 16.62 9.61
CA ARG B 194 4.74 16.59 8.56
C ARG B 194 3.76 17.74 8.79
N LYS B 195 3.43 17.96 10.05
CA LYS B 195 2.45 18.98 10.38
C LYS B 195 2.94 20.31 9.88
N LYS B 196 4.19 20.62 10.16
CA LYS B 196 4.69 21.93 9.81
C LYS B 196 4.82 22.03 8.30
N LEU B 197 5.14 20.94 7.64
CA LEU B 197 5.14 20.95 6.20
C LEU B 197 3.74 21.23 5.68
N ILE B 198 2.77 20.57 6.27
CA ILE B 198 1.42 20.77 5.81
C ILE B 198 1.04 22.22 6.11
N ASP B 199 1.47 22.69 7.26
CA ASP B 199 1.16 24.06 7.64
C ASP B 199 1.79 25.01 6.68
N GLU B 200 2.89 24.59 6.09
CA GLU B 200 3.59 25.41 5.11
C GLU B 200 2.97 25.34 3.75
N GLY B 201 1.99 24.46 3.60
CA GLY B 201 1.23 24.36 2.36
C GLY B 201 1.56 23.11 1.59
N PHE B 202 2.42 22.29 2.16
CA PHE B 202 2.75 21.05 1.47
C PHE B 202 1.72 20.05 1.89
N ARG B 203 0.52 20.27 1.41
CA ARG B 203 -0.60 19.64 2.03
C ARG B 203 -0.76 18.20 1.66
N ASP B 204 -0.23 17.83 0.50
CA ASP B 204 -0.49 16.47 0.07
C ASP B 204 0.74 15.64 0.22
N ILE B 205 1.69 16.12 1.02
CA ILE B 205 2.82 15.28 1.25
C ILE B 205 2.37 13.97 1.81
N ASP B 206 3.15 12.98 1.50
CA ASP B 206 2.82 11.70 2.03
C ASP B 206 3.49 11.58 3.38
N VAL B 207 3.76 10.35 3.79
CA VAL B 207 4.05 10.15 5.19
C VAL B 207 5.50 10.29 5.45
N LEU B 208 5.78 10.50 6.71
CA LEU B 208 7.10 10.49 7.20
C LEU B 208 7.72 9.17 6.82
N ASN B 209 8.89 9.25 6.25
CA ASN B 209 9.60 8.05 5.93
C ASN B 209 10.95 8.43 5.46
N GLY B 210 11.95 7.77 6.01
CA GLY B 210 13.28 8.02 5.53
C GLY B 210 14.02 8.60 6.68
N ILE B 211 15.02 7.85 7.12
CA ILE B 211 15.82 8.23 8.25
C ILE B 211 17.20 7.99 7.78
N ALA B 212 18.05 8.98 7.94
CA ALA B 212 19.42 8.80 7.57
C ALA B 212 20.23 9.33 8.71
N TRP B 213 21.29 8.63 8.98
CA TRP B 213 22.10 8.92 10.10
C TRP B 213 23.46 9.20 9.55
N ASP B 214 24.01 10.31 10.01
CA ASP B 214 25.30 10.71 9.59
C ASP B 214 26.06 10.51 10.88
N GLN B 215 26.76 9.39 10.95
CA GLN B 215 27.45 9.02 12.16
C GLN B 215 28.56 10.02 12.44
N GLU B 216 29.26 10.43 11.41
CA GLU B 216 30.39 11.35 11.57
C GLU B 216 29.99 12.61 12.31
N ASN B 217 28.86 13.18 11.92
CA ASN B 217 28.45 14.45 12.44
C ASN B 217 27.31 14.32 13.40
N LYS B 218 26.94 13.06 13.64
CA LYS B 218 25.87 12.69 14.53
C LYS B 218 24.64 13.48 14.14
N ARG B 219 24.24 13.31 12.90
CA ARG B 219 23.08 13.98 12.41
C ARG B 219 22.09 12.98 11.97
N ILE B 220 20.87 13.24 12.37
CA ILE B 220 19.77 12.39 12.04
C ILE B 220 18.98 13.20 11.06
N PHE B 221 18.72 12.60 9.91
CA PHE B 221 17.91 13.25 8.94
C PHE B 221 16.71 12.45 8.74
N VAL B 222 15.61 13.13 8.57
CA VAL B 222 14.42 12.38 8.31
C VAL B 222 13.72 13.13 7.26
N THR B 223 12.91 12.41 6.53
CA THR B 223 12.13 13.10 5.58
C THR B 223 10.89 12.26 5.41
N GLY B 224 10.22 12.49 4.32
CA GLY B 224 8.99 11.81 4.13
C GLY B 224 8.73 11.83 2.67
N LYS B 225 7.70 11.09 2.32
CA LYS B 225 7.50 10.81 0.94
C LYS B 225 6.85 12.02 0.38
N LEU B 226 7.45 12.53 -0.68
CA LEU B 226 7.00 13.72 -1.34
C LEU B 226 7.21 14.93 -0.46
N TRP B 227 8.00 14.77 0.58
CA TRP B 227 8.27 15.91 1.42
C TRP B 227 9.22 16.80 0.70
N PRO B 228 8.97 18.09 0.78
CA PRO B 228 9.84 19.05 0.14
C PRO B 228 11.05 19.32 1.02
N LYS B 229 11.08 18.72 2.18
CA LYS B 229 12.18 18.98 3.08
C LYS B 229 12.63 17.70 3.67
N LEU B 230 13.92 17.68 3.92
CA LEU B 230 14.52 16.68 4.71
C LEU B 230 14.95 17.44 5.93
N PHE B 231 14.76 16.83 7.08
CA PHE B 231 14.98 17.52 8.32
C PHE B 231 16.12 16.87 9.00
N GLU B 232 17.00 17.69 9.51
CA GLU B 232 17.93 17.18 10.46
C GLU B 232 17.24 17.40 11.75
N ILE B 233 17.14 16.36 12.55
CA ILE B 233 16.42 16.50 13.77
C ILE B 233 17.31 16.20 14.95
N LYS B 234 16.87 16.67 16.10
CA LYS B 234 17.49 16.29 17.33
C LYS B 234 16.36 15.72 18.12
N LEU B 235 16.61 14.57 18.73
CA LEU B 235 15.64 13.99 19.61
C LEU B 235 15.68 14.68 20.94
N HIS B 236 14.51 14.78 21.53
CA HIS B 236 14.39 15.25 22.89
C HIS B 236 13.56 14.26 23.61
N LEU B 237 14.15 13.67 24.64
CA LEU B 237 13.41 12.76 25.47
C LEU B 237 12.24 13.49 26.08
N VAL B 238 11.07 12.91 25.91
CA VAL B 238 9.90 13.43 26.56
C VAL B 238 10.06 13.02 28.02
N ARG B 239 10.15 14.02 28.89
CA ARG B 239 10.28 13.79 30.32
C ARG B 239 8.89 13.65 30.93
N HIS B 240 7.92 14.39 30.38
CA HIS B 240 6.56 14.40 30.92
C HIS B 240 5.84 13.09 30.65
N ARG B 241 4.83 12.81 31.47
CA ARG B 241 4.07 11.56 31.38
C ARG B 241 3.39 11.44 30.02
N ILE B 242 3.76 10.41 29.27
CA ILE B 242 3.10 10.12 28.02
C ILE B 242 1.86 9.29 28.36
N PRO B 243 0.68 9.79 28.01
CA PRO B 243 -0.58 9.11 28.33
C PRO B 243 -0.55 7.64 27.93
N ASP B 244 -1.22 6.82 28.73
CA ASP B 244 -1.37 5.41 28.39
C ASP B 244 -1.97 5.30 27.02
N GLY B 245 -1.44 4.38 26.23
CA GLY B 245 -1.99 4.09 24.93
C GLY B 245 -1.61 5.13 23.88
N TYR B 246 -0.81 6.12 24.27
CA TYR B 246 -0.47 7.19 23.35
C TYR B 246 0.30 6.65 22.17
N ILE B 247 1.36 5.91 22.45
CA ILE B 247 2.18 5.33 21.40
C ILE B 247 1.37 4.33 20.62
N GLU B 248 0.53 3.57 21.32
CA GLU B 248 -0.36 2.64 20.68
C GLU B 248 -1.24 3.35 19.67
N ARG B 249 -1.77 4.49 20.07
CA ARG B 249 -2.69 5.26 19.26
C ARG B 249 -1.94 5.83 18.07
N HIS B 250 -0.84 6.51 18.36
CA HIS B 250 -0.21 7.36 17.36
C HIS B 250 0.81 6.64 16.52
N CYS B 251 1.43 5.62 17.09
CA CYS B 251 2.50 4.92 16.42
C CYS B 251 2.08 3.56 15.95
N LEU B 252 1.18 2.94 16.69
CA LEU B 252 0.78 1.61 16.33
C LEU B 252 -0.57 1.61 15.68
N ASN B 253 -1.22 2.77 15.67
CA ASN B 253 -2.55 2.92 15.09
C ASN B 253 -3.49 1.84 15.62
N LEU B 254 -3.47 1.66 16.95
CA LEU B 254 -4.12 0.55 17.66
C LEU B 254 -3.15 -0.61 17.89
C1 NAG C . -4.39 9.97 -19.80
C2 NAG C . -4.51 10.99 -20.89
C3 NAG C . -4.05 10.28 -22.14
C4 NAG C . -2.64 9.76 -21.89
C5 NAG C . -2.57 8.87 -20.64
C6 NAG C . -1.17 8.44 -20.20
C7 NAG C . -6.35 12.58 -20.85
C8 NAG C . -7.84 12.75 -21.03
N2 NAG C . -5.91 11.34 -21.03
O3 NAG C . -4.09 11.26 -23.15
O4 NAG C . -2.27 8.98 -23.00
O5 NAG C . -3.04 9.68 -19.58
O6 NAG C . -0.31 9.57 -20.08
O7 NAG C . -5.62 13.52 -20.53
C1 NAG C . -1.07 9.47 -23.33
C2 NAG C . -0.61 8.50 -24.39
C3 NAG C . 0.66 8.99 -25.03
C4 NAG C . 0.54 10.46 -25.41
C5 NAG C . 0.05 11.28 -24.22
C6 NAG C . -0.12 12.76 -24.48
C7 NAG C . -1.00 6.18 -23.99
C8 NAG C . -0.51 4.95 -23.29
N2 NAG C . -0.26 7.25 -23.79
O3 NAG C . 0.93 8.17 -26.16
O4 NAG C . 1.84 10.82 -25.74
O5 NAG C . -1.21 10.78 -23.84
O6 NAG C . -0.86 12.89 -25.67
O7 NAG C . -2.00 6.20 -24.70
C1 BMA C . 1.81 11.57 -26.95
C2 BMA C . 3.06 12.41 -26.93
C3 BMA C . 3.15 13.23 -28.21
C4 BMA C . 3.06 12.28 -29.41
C5 BMA C . 1.85 11.35 -29.30
C6 BMA C . 1.92 10.23 -30.32
O2 BMA C . 4.13 11.49 -26.81
O3 BMA C . 4.34 14.00 -28.23
O4 BMA C . 2.99 13.07 -30.57
O5 BMA C . 1.78 10.69 -28.05
O6 BMA C . 3.10 9.46 -30.12
C1 FUC C . -5.27 10.99 -23.95
C2 FUC C . -5.14 12.07 -24.98
C3 FUC C . -4.02 11.73 -25.96
C4 FUC C . -4.18 10.31 -26.54
C5 FUC C . -4.25 9.28 -25.41
C6 FUC C . -4.51 7.86 -25.87
O2 FUC C . -4.82 13.26 -24.29
O3 FUC C . -4.05 12.66 -27.01
O4 FUC C . -5.38 10.25 -27.31
O5 FUC C . -5.34 9.66 -24.52
C1 NAG D . 17.98 -7.36 -11.25
C2 NAG D . 18.89 -7.43 -12.45
C3 NAG D . 18.21 -6.63 -13.51
C4 NAG D . 16.85 -7.32 -13.71
C5 NAG D . 16.04 -7.38 -12.42
C6 NAG D . 14.75 -8.18 -12.58
C7 NAG D . 21.31 -7.60 -12.13
C8 NAG D . 22.59 -6.90 -11.73
N2 NAG D . 20.20 -6.87 -12.09
O3 NAG D . 19.01 -6.73 -14.66
O4 NAG D . 16.12 -6.64 -14.72
O5 NAG D . 16.80 -8.10 -11.47
O6 NAG D . 15.07 -9.49 -13.05
O7 NAG D . 21.32 -8.78 -12.47
C1 FUC D . 19.75 -5.52 -14.87
C2 FUC D . 20.73 -5.82 -16.00
C3 FUC D . 19.98 -5.95 -17.34
C4 FUC D . 19.03 -4.77 -17.60
C5 FUC D . 18.11 -4.54 -16.39
C6 FUC D . 17.18 -3.32 -16.50
O2 FUC D . 21.40 -7.04 -15.70
O3 FUC D . 20.91 -6.08 -18.41
O4 FUC D . 19.79 -3.58 -17.85
O5 FUC D . 18.88 -4.40 -15.16
C1 NAG D . 15.78 -7.45 -15.73
C2 NAG D . 14.67 -6.61 -16.36
C3 NAG D . 14.21 -7.17 -17.71
C4 NAG D . 15.41 -7.49 -18.61
C5 NAG D . 16.40 -8.34 -17.82
C6 NAG D . 17.63 -8.75 -18.61
C7 NAG D . 13.18 -5.41 -14.90
C8 NAG D . 11.82 -5.41 -14.26
N2 NAG D . 13.55 -6.57 -15.45
O3 NAG D . 13.38 -6.23 -18.35
O4 NAG D . 14.97 -8.15 -19.77
O5 NAG D . 16.83 -7.63 -16.67
O6 NAG D . 18.39 -9.57 -17.76
O7 NAG D . 13.91 -4.42 -14.90
ZN ZN E . -16.69 -2.41 -7.44
C TRS F . -3.84 -6.70 -8.67
C1 TRS F . -4.49 -7.98 -8.14
C2 TRS F . -4.40 -5.48 -8.01
C3 TRS F . -2.35 -6.63 -8.34
N TRS F . -4.08 -6.64 -10.11
O1 TRS F . -5.87 -7.98 -8.41
O2 TRS F . -5.74 -5.27 -8.38
O3 TRS F . -1.72 -7.81 -8.72
ZN ZN G . 17.59 4.90 6.31
C ACY H . 6.08 2.00 2.01
O ACY H . 5.94 1.92 0.78
OXT ACY H . 6.30 3.05 2.63
CH3 ACY H . 5.98 0.73 2.80
#